data_3QUR
#
_entry.id   3QUR
#
_cell.length_a   87.910
_cell.length_b   87.910
_cell.length_c   79.230
_cell.angle_alpha   90.00
_cell.angle_beta   90.00
_cell.angle_gamma   120.00
#
_symmetry.space_group_name_H-M   'P 32 2 1'
#
loop_
_entity.id
_entity.type
_entity.pdbx_description
1 polymer 'FomA protein'
2 non-polymer "ADENOSINE-5'-DIPHOSPHATE"
3 non-polymer '[(2R,3S)-3-methyloxiran-2-yl]-phosphonooxy-phosphinic acid'
4 non-polymer 'MAGNESIUM ION'
5 water water
#
_entity_poly.entity_id   1
_entity_poly.type   'polypeptide(L)'
_entity_poly.pdbx_seq_one_letter_code
;MGSSHHHHHHSSGLVPRGSHMTPDFLAIKVGGSLFSRKDEPGSLDDDAVTRFARNFARLAETYRGRMVLISGGGAFGHGA
IRDHDSTHAFSLAGLTEATFEVKKRWAEKLRGIGVDAFPLQLAAMCTLRNGIPQLRSEVLRDVLDHGALPVLAGDALFDE
HGKLWAFSSDRVPEVLLPMVEGRLRVVTLTDVDGIVTDGAGGDTILPEVDARSPEQAYAALWGSSEWDATGAMHTKLDAL
VTCARRGAECFIMRGDPGSDLEFLTAPFSSWPAHVRSTRITTTASA
;
_entity_poly.pdbx_strand_id   A
#
# COMPACT_ATOMS: atom_id res chain seq x y z
N SER A 12 13.11 15.48 -12.69
CA SER A 12 14.44 14.77 -12.73
C SER A 12 15.47 15.61 -11.93
N GLY A 13 14.95 16.57 -11.15
CA GLY A 13 15.73 17.34 -10.23
C GLY A 13 16.21 16.62 -8.99
N LEU A 14 17.09 17.30 -8.27
CA LEU A 14 17.67 16.74 -7.08
C LEU A 14 16.60 16.78 -5.99
N VAL A 15 16.26 15.64 -5.41
CA VAL A 15 15.24 15.57 -4.36
C VAL A 15 15.97 15.36 -3.05
N PRO A 16 15.83 16.30 -2.07
CA PRO A 16 16.46 16.08 -0.79
C PRO A 16 15.78 14.89 -0.12
N ARG A 17 16.58 13.99 0.43
CA ARG A 17 16.02 12.76 1.03
C ARG A 17 16.79 12.43 2.33
N GLY A 18 16.20 11.57 3.17
CA GLY A 18 16.83 11.15 4.41
C GLY A 18 15.83 11.01 5.55
N SER A 19 16.31 10.44 6.66
CA SER A 19 15.48 10.17 7.84
C SER A 19 15.01 11.42 8.57
N HIS A 20 15.57 12.58 8.24
CA HIS A 20 15.17 13.86 8.82
C HIS A 20 14.04 14.55 8.00
N MET A 21 13.73 13.99 6.82
CA MET A 21 12.86 14.64 5.88
C MET A 21 11.39 14.14 6.09
N THR A 22 10.43 15.03 5.86
CA THR A 22 9.00 14.69 5.91
C THR A 22 8.54 14.17 4.54
N PRO A 23 7.74 13.09 4.50
CA PRO A 23 7.26 12.64 3.21
C PRO A 23 6.31 13.62 2.57
N ASP A 24 6.36 13.68 1.24
CA ASP A 24 5.42 14.46 0.46
C ASP A 24 4.11 13.70 0.12
N PHE A 25 4.15 12.37 0.17
CA PHE A 25 3.03 11.56 -0.24
C PHE A 25 3.09 10.27 0.56
N LEU A 26 1.89 9.80 0.96
CA LEU A 26 1.74 8.54 1.68
C LEU A 26 0.89 7.58 0.89
N ALA A 27 1.41 6.39 0.65
CA ALA A 27 0.66 5.27 0.14
C ALA A 27 0.58 4.28 1.29
N ILE A 28 -0.62 4.11 1.83
CA ILE A 28 -0.81 3.23 2.97
C ILE A 28 -1.63 2.03 2.51
N LYS A 29 -1.09 0.85 2.68
CA LYS A 29 -1.78 -0.39 2.31
C LYS A 29 -2.12 -1.17 3.60
N VAL A 30 -3.38 -1.56 3.66
CA VAL A 30 -3.92 -2.32 4.80
C VAL A 30 -4.19 -3.76 4.39
N GLY A 31 -3.47 -4.69 4.99
CA GLY A 31 -3.57 -6.07 4.67
C GLY A 31 -4.92 -6.67 4.98
N GLY A 32 -5.38 -7.56 4.10
CA GLY A 32 -6.65 -8.26 4.33
C GLY A 32 -6.70 -8.98 5.67
N SER A 33 -5.57 -9.56 6.11
CA SER A 33 -5.44 -10.28 7.41
C SER A 33 -5.97 -9.44 8.57
N LEU A 34 -5.91 -8.12 8.42
CA LEU A 34 -6.16 -7.21 9.51
C LEU A 34 -7.63 -6.89 9.66
N PHE A 35 -8.46 -7.23 8.68
CA PHE A 35 -9.89 -6.86 8.80
C PHE A 35 -10.86 -7.89 8.22
N SER A 36 -10.37 -9.10 7.99
CA SER A 36 -11.13 -10.22 7.47
C SER A 36 -10.50 -11.52 7.93
N ARG A 37 -11.25 -12.62 7.73
CA ARG A 37 -10.75 -14.03 7.87
C ARG A 37 -11.04 -14.84 6.59
N LYS A 38 -10.02 -15.54 6.07
CA LYS A 38 -10.16 -16.46 4.90
C LYS A 38 -11.13 -17.61 5.19
N ASP A 39 -11.08 -18.13 6.43
CA ASP A 39 -12.10 -19.09 6.96
C ASP A 39 -13.56 -18.57 6.92
N GLU A 40 -13.74 -17.27 6.70
CA GLU A 40 -15.05 -16.65 6.67
C GLU A 40 -15.15 -15.72 5.45
N PRO A 41 -15.34 -16.33 4.26
CA PRO A 41 -15.30 -15.61 2.97
C PRO A 41 -16.28 -14.43 2.86
N GLY A 42 -15.79 -13.33 2.27
CA GLY A 42 -16.57 -12.09 2.05
C GLY A 42 -17.19 -11.51 3.34
N SER A 43 -16.58 -11.82 4.47
CA SER A 43 -17.05 -11.26 5.68
C SER A 43 -15.90 -10.39 6.17
N LEU A 44 -16.16 -9.10 6.23
CA LEU A 44 -15.25 -8.16 6.87
C LEU A 44 -15.58 -7.98 8.38
N ASP A 45 -14.54 -7.72 9.15
CA ASP A 45 -14.65 -7.34 10.55
C ASP A 45 -14.96 -5.85 10.57
N ASP A 46 -16.23 -5.50 10.74
CA ASP A 46 -16.63 -4.08 10.72
C ASP A 46 -16.01 -3.22 11.80
N ASP A 47 -15.75 -3.80 12.95
CA ASP A 47 -15.12 -3.07 14.07
C ASP A 47 -13.71 -2.71 13.67
N ALA A 48 -13.00 -3.65 13.04
CA ALA A 48 -11.63 -3.37 12.62
C ALA A 48 -11.67 -2.29 11.56
N VAL A 49 -12.54 -2.42 10.59
CA VAL A 49 -12.68 -1.39 9.51
C VAL A 49 -12.96 -0.01 10.11
N THR A 50 -13.90 0.02 11.05
CA THR A 50 -14.29 1.26 11.73
C THR A 50 -13.09 1.94 12.42
N ARG A 51 -12.35 1.16 13.21
CA ARG A 51 -11.26 1.71 13.96
C ARG A 51 -10.11 2.13 13.07
N PHE A 52 -9.77 1.30 12.09
CA PHE A 52 -8.74 1.67 11.13
C PHE A 52 -9.11 2.93 10.42
N ALA A 53 -10.36 3.03 10.00
CA ALA A 53 -10.82 4.21 9.26
C ALA A 53 -10.62 5.50 10.04
N ARG A 54 -10.85 5.49 11.34
CA ARG A 54 -10.58 6.65 12.16
C ARG A 54 -9.14 7.12 12.09
N ASN A 55 -8.23 6.16 12.18
CA ASN A 55 -6.82 6.47 12.06
C ASN A 55 -6.41 6.89 10.68
N PHE A 56 -6.97 6.25 9.68
CA PHE A 56 -6.65 6.66 8.29
C PHE A 56 -7.21 8.05 7.99
N ALA A 57 -8.36 8.37 8.56
CA ALA A 57 -8.96 9.70 8.36
C ALA A 57 -8.07 10.81 8.83
N ARG A 58 -7.38 10.63 9.94
CA ARG A 58 -6.46 11.68 10.44
C ARG A 58 -5.30 11.91 9.49
N LEU A 59 -4.74 10.83 8.97
CA LEU A 59 -3.65 10.92 7.99
C LEU A 59 -4.16 11.65 6.76
N ALA A 60 -5.35 11.31 6.29
CA ALA A 60 -5.88 11.90 5.04
C ALA A 60 -6.06 13.39 5.16
N GLU A 61 -6.39 13.89 6.33
CA GLU A 61 -6.59 15.34 6.53
C GLU A 61 -5.27 16.04 6.38
N THR A 62 -4.24 15.48 6.99
CA THR A 62 -2.86 16.08 6.86
C THR A 62 -2.34 15.95 5.44
N TYR A 63 -2.52 14.79 4.87
N TYR A 63 -2.40 14.73 4.93
CA TYR A 63 -2.04 14.52 3.50
CA TYR A 63 -2.03 14.37 3.54
C TYR A 63 -3.12 14.69 2.45
C TYR A 63 -3.24 14.59 2.57
N ARG A 64 -3.93 15.73 2.62
CA ARG A 64 -5.04 15.99 1.73
C ARG A 64 -4.53 16.08 0.29
N GLY A 65 -5.02 15.23 -0.62
CA GLY A 65 -4.49 15.25 -1.97
C GLY A 65 -3.09 14.66 -2.14
N ARG A 66 -2.54 14.08 -1.07
CA ARG A 66 -1.18 13.57 -1.02
C ARG A 66 -1.17 12.21 -0.39
N MET A 67 -2.26 11.45 -0.52
CA MET A 67 -2.33 10.10 0.06
C MET A 67 -3.26 9.20 -0.75
N VAL A 68 -2.93 7.90 -0.81
CA VAL A 68 -3.87 6.90 -1.23
C VAL A 68 -3.96 5.87 -0.12
N LEU A 69 -5.13 5.27 0.00
CA LEU A 69 -5.36 4.10 0.80
C LEU A 69 -5.56 2.95 -0.12
N ILE A 70 -4.78 1.85 0.11
CA ILE A 70 -4.85 0.63 -0.69
C ILE A 70 -5.32 -0.49 0.20
N SER A 71 -6.43 -1.11 -0.17
CA SER A 71 -6.95 -2.25 0.58
C SER A 71 -6.52 -3.58 0.01
N GLY A 72 -6.07 -4.46 0.89
CA GLY A 72 -5.97 -5.82 0.51
C GLY A 72 -7.34 -6.50 0.55
N GLY A 73 -7.35 -7.81 0.46
CA GLY A 73 -8.57 -8.61 0.82
C GLY A 73 -9.39 -8.61 -0.43
N GLY A 74 -10.61 -9.12 -0.32
CA GLY A 74 -11.43 -9.34 -1.55
C GLY A 74 -11.43 -10.76 -2.18
N ALA A 75 -12.49 -11.52 -1.87
CA ALA A 75 -12.78 -12.82 -2.55
C ALA A 75 -11.97 -13.00 -3.85
N ALA A 89 -10.54 -18.48 -17.94
CA ALA A 89 -9.46 -17.60 -18.46
C ALA A 89 -9.91 -16.16 -18.14
N PHE A 90 -11.04 -15.84 -18.79
CA PHE A 90 -11.73 -14.59 -18.42
C PHE A 90 -12.44 -14.64 -17.05
N SER A 91 -12.37 -15.79 -16.40
CA SER A 91 -13.03 -15.98 -15.10
C SER A 91 -12.40 -15.05 -14.06
N LEU A 92 -11.15 -14.65 -14.31
CA LEU A 92 -10.49 -13.71 -13.38
C LEU A 92 -11.22 -12.36 -13.31
N ALA A 93 -12.10 -12.08 -14.29
CA ALA A 93 -12.83 -10.81 -14.31
C ALA A 93 -13.57 -10.64 -13.00
N GLY A 94 -14.02 -11.74 -12.37
CA GLY A 94 -14.70 -11.59 -11.08
C GLY A 94 -13.86 -10.93 -10.00
N LEU A 95 -12.53 -10.98 -10.11
CA LEU A 95 -11.67 -10.36 -9.18
C LEU A 95 -11.90 -8.85 -9.16
N THR A 96 -12.18 -8.25 -10.30
CA THR A 96 -12.37 -6.79 -10.31
C THR A 96 -13.58 -6.41 -9.49
N GLU A 97 -14.60 -7.27 -9.56
CA GLU A 97 -15.82 -7.04 -8.82
C GLU A 97 -15.59 -7.25 -7.30
N ALA A 98 -14.83 -8.31 -6.97
CA ALA A 98 -14.51 -8.66 -5.56
C ALA A 98 -13.71 -7.52 -4.93
N THR A 99 -12.70 -6.98 -5.61
CA THR A 99 -11.92 -5.93 -4.99
C THR A 99 -12.65 -4.60 -5.05
N PHE A 100 -13.59 -4.42 -5.99
CA PHE A 100 -14.39 -3.21 -5.91
C PHE A 100 -15.20 -3.15 -4.60
N GLU A 101 -15.78 -4.29 -4.19
CA GLU A 101 -16.53 -4.34 -2.98
C GLU A 101 -15.70 -3.91 -1.77
N VAL A 102 -14.48 -4.37 -1.69
CA VAL A 102 -13.62 -4.01 -0.57
C VAL A 102 -13.33 -2.50 -0.54
N LYS A 103 -13.08 -1.94 -1.72
CA LYS A 103 -12.85 -0.49 -1.83
C LYS A 103 -14.11 0.29 -1.39
N LYS A 104 -15.31 -0.15 -1.83
CA LYS A 104 -16.55 0.42 -1.40
C LYS A 104 -16.68 0.38 0.11
N ARG A 105 -16.36 -0.74 0.71
CA ARG A 105 -16.52 -0.83 2.19
C ARG A 105 -15.64 0.22 2.89
N TRP A 106 -14.39 0.37 2.46
CA TRP A 106 -13.51 1.40 3.06
C TRP A 106 -14.03 2.81 2.78
N ALA A 107 -14.42 3.05 1.53
CA ALA A 107 -14.80 4.40 1.16
C ALA A 107 -16.06 4.84 1.85
N GLU A 108 -17.06 3.95 1.96
CA GLU A 108 -18.28 4.22 2.68
C GLU A 108 -17.98 4.59 4.12
N LYS A 109 -17.10 3.81 4.76
CA LYS A 109 -16.79 4.04 6.15
C LYS A 109 -16.14 5.39 6.32
N LEU A 110 -15.16 5.66 5.46
CA LEU A 110 -14.44 6.92 5.54
C LEU A 110 -15.34 8.14 5.27
N ARG A 111 -16.25 8.07 4.28
CA ARG A 111 -17.16 9.16 4.04
C ARG A 111 -18.06 9.43 5.27
N GLY A 112 -18.44 8.35 5.94
CA GLY A 112 -19.22 8.44 7.17
C GLY A 112 -18.58 9.24 8.29
N ILE A 113 -17.26 9.32 8.28
CA ILE A 113 -16.52 10.18 9.18
C ILE A 113 -15.89 11.44 8.59
N GLY A 114 -16.37 11.84 7.42
CA GLY A 114 -16.09 13.15 6.86
C GLY A 114 -14.92 13.22 5.90
N VAL A 115 -14.44 12.04 5.50
CA VAL A 115 -13.34 12.00 4.54
C VAL A 115 -13.88 11.92 3.11
N ASP A 116 -13.27 12.64 2.17
CA ASP A 116 -13.77 12.57 0.79
C ASP A 116 -13.11 11.40 0.08
N ALA A 117 -13.58 10.20 0.46
CA ALA A 117 -13.04 8.94 -0.02
C ALA A 117 -13.77 8.41 -1.26
N PHE A 118 -13.05 8.20 -2.35
CA PHE A 118 -13.60 7.80 -3.64
C PHE A 118 -12.93 6.54 -4.15
N PRO A 119 -13.66 5.42 -4.29
CA PRO A 119 -13.02 4.17 -4.73
C PRO A 119 -12.75 4.28 -6.22
N LEU A 120 -11.60 3.78 -6.67
CA LEU A 120 -11.25 3.77 -8.10
C LEU A 120 -10.83 2.37 -8.49
N GLN A 121 -11.46 1.85 -9.54
CA GLN A 121 -11.13 0.56 -10.14
C GLN A 121 -9.83 0.63 -10.88
N LEU A 122 -8.80 -0.02 -10.31
CA LEU A 122 -7.49 0.01 -10.96
C LEU A 122 -7.56 -0.57 -12.35
N ALA A 123 -8.41 -1.57 -12.61
CA ALA A 123 -8.50 -2.18 -13.92
C ALA A 123 -9.00 -1.21 -15.01
N ALA A 124 -9.67 -0.13 -14.64
CA ALA A 124 -10.14 0.87 -15.55
C ALA A 124 -9.10 1.96 -15.83
N MET A 125 -8.02 1.87 -15.12
CA MET A 125 -6.96 2.91 -15.13
C MET A 125 -5.59 2.40 -15.50
N CYS A 126 -5.33 1.11 -15.55
CA CYS A 126 -4.00 0.55 -15.57
C CYS A 126 -4.06 -0.74 -16.34
N THR A 127 -3.04 -0.96 -17.16
CA THR A 127 -2.88 -2.22 -17.88
C THR A 127 -1.43 -2.65 -17.72
N LEU A 128 -1.14 -3.88 -18.07
CA LEU A 128 0.24 -4.42 -18.02
C LEU A 128 0.87 -4.42 -19.41
N ARG A 129 2.17 -4.06 -19.48
CA ARG A 129 2.91 -4.05 -20.74
C ARG A 129 4.30 -4.57 -20.41
N ASN A 130 4.66 -5.73 -20.97
CA ASN A 130 5.94 -6.39 -20.66
C ASN A 130 6.04 -6.65 -19.16
N GLY A 131 4.90 -7.00 -18.55
CA GLY A 131 4.86 -7.18 -17.11
C GLY A 131 4.85 -5.99 -16.17
N ILE A 132 4.96 -4.79 -16.71
CA ILE A 132 5.05 -3.58 -15.92
C ILE A 132 3.65 -2.91 -15.93
N PRO A 133 3.12 -2.54 -14.77
CA PRO A 133 1.87 -1.82 -14.74
C PRO A 133 2.03 -0.42 -15.36
N GLN A 134 1.03 0.00 -16.11
CA GLN A 134 1.10 1.27 -16.84
C GLN A 134 -0.15 2.03 -16.42
N LEU A 135 0.00 3.22 -15.85
CA LEU A 135 -1.16 4.05 -15.55
C LEU A 135 -1.60 4.66 -16.86
N ARG A 136 -2.85 4.42 -17.26
CA ARG A 136 -3.43 4.78 -18.56
C ARG A 136 -4.62 5.74 -18.39
N SER A 137 -4.93 6.13 -17.15
CA SER A 137 -6.01 7.10 -16.85
C SER A 137 -5.47 8.28 -16.08
N GLU A 138 -5.80 9.47 -16.54
CA GLU A 138 -5.43 10.71 -15.84
C GLU A 138 -6.30 10.94 -14.57
N VAL A 139 -7.34 10.12 -14.37
CA VAL A 139 -8.30 10.41 -13.34
C VAL A 139 -7.63 10.37 -11.94
N LEU A 140 -6.72 9.40 -11.70
CA LEU A 140 -6.12 9.28 -10.34
C LEU A 140 -5.47 10.56 -9.91
N ARG A 141 -4.67 11.15 -10.79
CA ARG A 141 -3.97 12.41 -10.50
C ARG A 141 -4.98 13.53 -10.28
N ASP A 142 -6.00 13.60 -11.12
CA ASP A 142 -7.03 14.64 -10.89
C ASP A 142 -7.71 14.53 -9.58
N VAL A 143 -8.09 13.32 -9.20
CA VAL A 143 -8.77 13.10 -7.92
C VAL A 143 -7.92 13.59 -6.73
N LEU A 144 -6.64 13.27 -6.78
CA LEU A 144 -5.70 13.75 -5.80
C LEU A 144 -5.64 15.28 -5.81
N ASP A 145 -5.54 15.84 -7.01
CA ASP A 145 -5.43 17.31 -7.09
C ASP A 145 -6.69 17.96 -6.59
N HIS A 146 -7.83 17.29 -6.68
CA HIS A 146 -9.07 17.84 -6.14
C HIS A 146 -9.12 17.73 -4.59
N GLY A 147 -8.10 17.11 -3.97
CA GLY A 147 -8.05 16.93 -2.53
C GLY A 147 -8.83 15.76 -1.98
N ALA A 148 -9.25 14.84 -2.84
CA ALA A 148 -9.95 13.66 -2.41
C ALA A 148 -8.94 12.56 -2.07
N LEU A 149 -9.42 11.52 -1.41
CA LEU A 149 -8.69 10.31 -1.03
C LEU A 149 -9.05 9.15 -1.95
N PRO A 150 -8.22 8.82 -2.90
CA PRO A 150 -8.45 7.59 -3.65
C PRO A 150 -8.36 6.40 -2.78
N VAL A 151 -9.35 5.50 -2.89
CA VAL A 151 -9.31 4.20 -2.27
C VAL A 151 -9.10 3.14 -3.37
N LEU A 152 -7.95 2.43 -3.30
CA LEU A 152 -7.47 1.53 -4.30
C LEU A 152 -7.40 0.13 -3.71
N ALA A 153 -7.10 -0.84 -4.55
CA ALA A 153 -6.94 -2.21 -4.19
C ALA A 153 -6.29 -2.94 -5.36
N GLY A 154 -5.94 -4.21 -5.11
CA GLY A 154 -5.52 -5.08 -6.21
C GLY A 154 -6.63 -5.31 -7.20
N ASP A 155 -6.33 -6.02 -8.30
CA ASP A 155 -7.31 -6.07 -9.38
C ASP A 155 -6.92 -7.14 -10.36
N ALA A 156 -7.80 -7.41 -11.30
CA ALA A 156 -7.50 -8.15 -12.48
C ALA A 156 -7.16 -7.11 -13.59
N LEU A 157 -5.93 -7.16 -14.13
CA LEU A 157 -5.51 -6.21 -15.14
C LEU A 157 -5.30 -6.93 -16.46
N PHE A 158 -5.65 -6.27 -17.57
CA PHE A 158 -5.33 -6.76 -18.90
C PHE A 158 -3.88 -6.44 -19.26
N ASP A 159 -3.27 -7.39 -19.95
CA ASP A 159 -2.01 -7.11 -20.57
C ASP A 159 -2.18 -6.73 -22.02
N GLU A 160 -1.05 -6.56 -22.71
CA GLU A 160 -1.13 -6.07 -24.07
C GLU A 160 -1.65 -7.06 -25.08
N HIS A 161 -1.74 -8.32 -24.69
CA HIS A 161 -2.32 -9.41 -25.44
C HIS A 161 -3.76 -9.74 -25.08
N GLY A 162 -4.35 -8.96 -24.15
CA GLY A 162 -5.74 -9.19 -23.71
C GLY A 162 -5.95 -10.24 -22.66
N LYS A 163 -4.88 -10.73 -22.06
CA LYS A 163 -4.97 -11.70 -21.00
C LYS A 163 -5.09 -10.97 -19.69
N LEU A 164 -5.96 -11.49 -18.84
CA LEU A 164 -6.10 -10.98 -17.46
C LEU A 164 -5.08 -11.63 -16.53
N TRP A 165 -4.56 -10.81 -15.65
CA TRP A 165 -3.66 -11.22 -14.56
C TRP A 165 -4.08 -10.67 -13.22
N ALA A 166 -3.97 -11.47 -12.17
CA ALA A 166 -4.20 -10.98 -10.81
C ALA A 166 -3.04 -10.13 -10.37
N PHE A 167 -3.32 -8.88 -10.03
CA PHE A 167 -2.32 -7.89 -9.65
C PHE A 167 -2.56 -7.59 -8.20
N SER A 168 -1.64 -8.05 -7.36
CA SER A 168 -1.79 -7.91 -5.92
C SER A 168 -1.91 -6.50 -5.43
N SER A 169 -2.74 -6.29 -4.39
CA SER A 169 -2.73 -5.02 -3.66
C SER A 169 -1.36 -4.48 -3.25
N ASP A 170 -0.50 -5.43 -2.87
CA ASP A 170 0.88 -5.13 -2.46
C ASP A 170 1.70 -4.44 -3.56
N ARG A 171 1.29 -4.63 -4.85
CA ARG A 171 1.99 -4.04 -5.97
C ARG A 171 1.42 -2.69 -6.40
N VAL A 172 0.24 -2.30 -5.89
CA VAL A 172 -0.36 -1.02 -6.25
C VAL A 172 0.53 0.19 -6.05
N PRO A 173 1.38 0.21 -4.99
CA PRO A 173 2.26 1.35 -4.90
C PRO A 173 3.20 1.56 -6.10
N GLU A 174 3.56 0.48 -6.82
CA GLU A 174 4.36 0.62 -8.04
C GLU A 174 3.74 1.54 -9.07
N VAL A 175 2.39 1.53 -9.13
CA VAL A 175 1.69 2.30 -10.15
C VAL A 175 1.84 3.80 -9.88
N LEU A 176 2.11 4.16 -8.62
CA LEU A 176 2.30 5.55 -8.23
C LEU A 176 3.62 6.14 -8.60
N LEU A 177 4.64 5.30 -8.90
CA LEU A 177 6.03 5.80 -8.96
C LEU A 177 6.25 6.88 -10.00
N PRO A 178 5.69 6.74 -11.23
CA PRO A 178 5.93 7.81 -12.16
C PRO A 178 5.11 9.04 -11.93
N MET A 179 4.10 8.97 -11.07
CA MET A 179 3.11 10.00 -10.95
C MET A 179 3.40 10.91 -9.74
N VAL A 180 4.05 10.39 -8.69
CA VAL A 180 4.20 11.13 -7.47
C VAL A 180 5.47 11.91 -7.53
N GLU A 181 5.34 13.21 -7.26
CA GLU A 181 6.52 14.06 -7.14
C GLU A 181 6.98 14.16 -5.70
N GLY A 182 8.28 14.14 -5.55
CA GLY A 182 8.84 14.37 -4.27
C GLY A 182 8.97 13.05 -3.56
N ARG A 183 8.95 13.09 -2.25
CA ARG A 183 9.26 11.98 -1.41
C ARG A 183 8.00 11.11 -1.12
N LEU A 184 7.98 9.91 -1.70
CA LEU A 184 6.92 8.92 -1.49
C LEU A 184 7.29 8.02 -0.36
N ARG A 185 6.41 7.92 0.65
CA ARG A 185 6.50 6.93 1.71
C ARG A 185 5.41 5.89 1.48
N VAL A 186 5.85 4.63 1.46
CA VAL A 186 4.93 3.49 1.25
C VAL A 186 4.92 2.67 2.54
N VAL A 187 3.73 2.42 3.09
CA VAL A 187 3.65 1.68 4.33
C VAL A 187 2.69 0.53 4.13
N THR A 188 3.17 -0.67 4.31
CA THR A 188 2.34 -1.88 4.18
C THR A 188 2.10 -2.44 5.58
N LEU A 189 0.86 -2.35 6.05
CA LEU A 189 0.45 -2.81 7.35
C LEU A 189 0.05 -4.26 7.20
N THR A 190 0.68 -5.10 8.01
CA THR A 190 0.42 -6.51 7.98
C THR A 190 0.25 -7.12 9.40
N ASP A 191 0.29 -8.43 9.49
CA ASP A 191 0.07 -9.08 10.79
C ASP A 191 1.35 -9.57 11.45
N VAL A 192 2.47 -9.01 11.01
CA VAL A 192 3.79 -9.27 11.58
C VAL A 192 4.49 -7.90 11.67
N ASP A 193 5.52 -7.80 12.51
CA ASP A 193 6.19 -6.53 12.72
C ASP A 193 7.18 -6.11 11.67
N GLY A 194 7.43 -7.00 10.69
CA GLY A 194 8.43 -6.75 9.69
C GLY A 194 8.85 -8.09 9.13
N ILE A 195 10.00 -8.08 8.44
CA ILE A 195 10.64 -9.34 8.01
C ILE A 195 11.41 -9.96 9.19
N VAL A 196 10.99 -11.18 9.56
CA VAL A 196 11.54 -11.96 10.64
C VAL A 196 12.70 -12.78 10.12
N THR A 197 13.83 -12.67 10.82
CA THR A 197 15.02 -13.42 10.47
C THR A 197 15.15 -14.43 11.60
N ASP A 198 15.08 -15.72 11.22
CA ASP A 198 15.20 -16.87 12.13
C ASP A 198 13.80 -17.21 12.72
N ASP A 203 12.79 -15.18 15.19
CA ASP A 203 13.72 -14.79 16.23
C ASP A 203 13.93 -13.23 16.28
N THR A 204 14.23 -12.51 15.18
CA THR A 204 14.26 -11.03 15.25
C THR A 204 13.79 -10.35 13.97
N ILE A 205 13.33 -9.12 14.07
CA ILE A 205 12.99 -8.34 12.88
C ILE A 205 14.21 -7.72 12.24
N LEU A 206 14.28 -7.80 10.92
CA LEU A 206 15.30 -7.06 10.16
C LEU A 206 14.94 -5.56 10.06
N PRO A 207 15.69 -4.67 10.70
CA PRO A 207 15.20 -3.30 10.66
C PRO A 207 15.38 -2.50 9.39
N GLU A 208 16.45 -2.79 8.66
CA GLU A 208 16.78 -2.06 7.46
C GLU A 208 17.13 -3.05 6.33
N VAL A 209 16.58 -2.76 5.16
CA VAL A 209 16.89 -3.53 3.95
C VAL A 209 17.36 -2.53 2.92
N ASP A 210 18.54 -2.79 2.34
CA ASP A 210 18.98 -1.97 1.20
C ASP A 210 18.48 -2.57 -0.11
N ALA A 211 17.60 -1.81 -0.77
CA ALA A 211 16.98 -2.27 -1.96
C ALA A 211 17.94 -2.53 -3.10
N ARG A 212 19.15 -1.97 -3.04
CA ARG A 212 20.09 -2.26 -4.09
C ARG A 212 20.64 -3.66 -3.99
N SER A 213 20.64 -4.20 -2.75
N SER A 213 20.57 -4.30 -2.84
CA SER A 213 21.22 -5.52 -2.41
CA SER A 213 21.06 -5.66 -2.80
C SER A 213 20.40 -6.19 -1.30
C SER A 213 20.45 -6.28 -1.56
N PRO A 214 19.16 -6.64 -1.64
CA PRO A 214 18.32 -7.16 -0.54
C PRO A 214 18.34 -8.65 -0.36
N GLU A 215 19.42 -9.31 -0.78
CA GLU A 215 19.43 -10.78 -0.82
C GLU A 215 19.22 -11.41 0.58
N GLN A 216 19.74 -10.74 1.62
CA GLN A 216 19.47 -11.16 2.96
C GLN A 216 18.04 -11.21 3.40
N ALA A 217 17.22 -10.25 2.97
CA ALA A 217 15.82 -10.24 3.31
C ALA A 217 15.11 -11.39 2.60
N TYR A 218 15.50 -11.64 1.35
CA TYR A 218 14.88 -12.77 0.65
C TYR A 218 15.25 -14.11 1.28
N ALA A 219 16.47 -14.20 1.76
CA ALA A 219 16.94 -15.42 2.42
C ALA A 219 16.12 -15.68 3.71
N ALA A 220 15.67 -14.60 4.37
CA ALA A 220 14.86 -14.73 5.58
C ALA A 220 13.48 -15.28 5.31
N LEU A 221 12.91 -15.00 4.17
CA LEU A 221 11.61 -15.51 3.86
C LEU A 221 11.76 -17.00 3.63
N TRP A 222 12.90 -17.44 3.07
CA TRP A 222 13.08 -18.89 2.78
C TRP A 222 13.11 -19.65 4.13
N GLY A 223 13.84 -19.11 5.10
CA GLY A 223 13.84 -19.61 6.51
C GLY A 223 12.40 -19.82 7.02
N SER A 224 11.57 -18.78 6.88
CA SER A 224 10.13 -18.69 7.29
C SER A 224 8.97 -18.81 6.22
N SER A 225 9.22 -19.41 5.05
CA SER A 225 8.29 -19.33 3.87
C SER A 225 7.47 -18.03 3.88
N GLY A 231 3.11 -17.11 -0.64
CA GLY A 231 4.14 -16.09 -1.10
C GLY A 231 3.84 -14.59 -0.85
N ALA A 232 2.93 -14.31 0.10
CA ALA A 232 2.49 -12.98 0.47
C ALA A 232 3.65 -12.05 0.82
N MET A 233 4.54 -12.44 1.73
CA MET A 233 5.62 -11.53 2.11
C MET A 233 6.61 -11.35 0.93
N HIS A 234 6.82 -12.39 0.14
CA HIS A 234 7.70 -12.24 -1.08
C HIS A 234 7.18 -11.18 -2.06
N THR A 235 5.87 -11.17 -2.27
CA THR A 235 5.22 -10.15 -3.11
C THR A 235 5.44 -8.77 -2.49
N LYS A 236 5.29 -8.66 -1.17
CA LYS A 236 5.54 -7.38 -0.51
C LYS A 236 6.96 -6.90 -0.72
N LEU A 237 7.91 -7.78 -0.45
CA LEU A 237 9.27 -7.42 -0.63
C LEU A 237 9.56 -6.99 -2.07
N ASP A 238 9.15 -7.77 -3.07
CA ASP A 238 9.42 -7.42 -4.43
C ASP A 238 8.88 -6.00 -4.73
N ALA A 239 7.67 -5.73 -4.29
CA ALA A 239 7.01 -4.47 -4.61
C ALA A 239 7.76 -3.30 -3.98
N LEU A 240 8.13 -3.48 -2.70
CA LEU A 240 8.73 -2.40 -1.95
C LEU A 240 10.17 -2.19 -2.38
N VAL A 241 10.91 -3.26 -2.77
CA VAL A 241 12.21 -3.07 -3.39
C VAL A 241 12.08 -2.29 -4.67
N THR A 242 11.10 -2.60 -5.52
CA THR A 242 10.84 -1.87 -6.75
C THR A 242 10.61 -0.39 -6.50
N CYS A 243 9.79 -0.12 -5.49
CA CYS A 243 9.49 1.29 -5.16
C CYS A 243 10.73 2.03 -4.58
N ALA A 244 11.47 1.38 -3.69
CA ALA A 244 12.67 1.91 -3.04
C ALA A 244 13.72 2.20 -4.06
N ARG A 245 13.82 1.36 -5.13
CA ARG A 245 14.83 1.66 -6.18
C ARG A 245 14.50 2.90 -6.96
N ARG A 246 13.24 3.33 -6.93
CA ARG A 246 12.78 4.55 -7.54
C ARG A 246 12.52 5.68 -6.48
N GLY A 247 13.19 5.56 -5.33
CA GLY A 247 13.35 6.66 -4.38
C GLY A 247 12.45 6.59 -3.17
N ALA A 248 11.47 5.70 -3.20
CA ALA A 248 10.49 5.64 -2.15
C ALA A 248 11.10 5.13 -0.85
N GLU A 249 10.51 5.59 0.25
CA GLU A 249 10.84 5.13 1.59
C GLU A 249 9.77 4.15 2.03
N CYS A 250 10.12 2.87 2.17
CA CYS A 250 9.10 1.83 2.30
C CYS A 250 9.21 1.09 3.62
N PHE A 251 8.05 0.69 4.14
CA PHE A 251 7.96 0.02 5.42
C PHE A 251 7.00 -1.16 5.38
N ILE A 252 7.45 -2.23 6.04
CA ILE A 252 6.59 -3.34 6.40
C ILE A 252 6.46 -3.31 7.92
N MET A 253 5.22 -3.22 8.42
CA MET A 253 5.05 -3.07 9.83
C MET A 253 3.73 -3.67 10.24
N ARG A 254 3.49 -3.81 11.54
CA ARG A 254 2.27 -4.47 12.02
C ARG A 254 1.12 -3.49 12.10
N GLY A 255 -0.02 -3.82 11.54
CA GLY A 255 -1.18 -3.01 11.70
C GLY A 255 -2.00 -3.44 12.89
N ASP A 256 -2.73 -2.50 13.45
CA ASP A 256 -3.62 -2.76 14.60
C ASP A 256 -4.74 -1.74 14.50
N PRO A 257 -6.00 -2.18 14.43
CA PRO A 257 -7.08 -1.20 14.14
C PRO A 257 -7.09 0.08 14.98
N GLY A 258 -6.82 -0.04 16.27
CA GLY A 258 -6.88 1.08 17.12
C GLY A 258 -5.63 1.88 17.30
N SER A 259 -4.55 1.49 16.65
CA SER A 259 -3.27 2.17 16.83
C SER A 259 -3.20 3.52 16.14
N ASP A 260 -2.71 4.49 16.87
CA ASP A 260 -2.49 5.82 16.33
C ASP A 260 -1.42 5.74 15.24
N LEU A 261 -1.67 6.42 14.11
CA LEU A 261 -0.74 6.34 13.00
C LEU A 261 -0.11 7.70 12.69
N GLU A 262 -0.27 8.67 13.57
CA GLU A 262 0.18 10.03 13.24
C GLU A 262 1.62 10.11 12.95
N PHE A 263 2.39 9.20 13.56
CA PHE A 263 3.81 9.18 13.31
C PHE A 263 4.16 8.97 11.84
N LEU A 264 3.25 8.40 11.07
CA LEU A 264 3.52 8.20 9.61
C LEU A 264 3.56 9.49 8.81
N THR A 265 3.22 10.62 9.43
CA THR A 265 3.39 11.94 8.81
C THR A 265 4.78 12.49 9.07
N ALA A 266 5.54 11.86 9.98
CA ALA A 266 6.71 12.45 10.53
C ALA A 266 7.98 11.89 9.90
N PRO A 267 9.08 12.65 9.97
CA PRO A 267 10.40 12.10 9.59
C PRO A 267 10.70 10.84 10.37
N PHE A 268 11.31 9.84 9.70
CA PHE A 268 11.62 8.56 10.31
C PHE A 268 12.43 8.73 11.58
N SER A 269 13.36 9.66 11.57
CA SER A 269 14.19 9.85 12.75
C SER A 269 13.40 10.35 13.95
N SER A 270 12.20 10.89 13.76
CA SER A 270 11.36 11.39 14.83
C SER A 270 10.32 10.41 15.32
N TRP A 271 10.29 9.18 14.78
CA TRP A 271 9.33 8.18 15.20
C TRP A 271 9.47 7.76 16.65
N PRO A 272 8.34 7.44 17.27
CA PRO A 272 8.44 6.93 18.64
C PRO A 272 9.28 5.69 18.74
N ALA A 273 9.88 5.51 19.90
CA ALA A 273 10.82 4.44 20.11
C ALA A 273 10.16 3.06 20.13
N HIS A 274 8.88 2.99 20.43
CA HIS A 274 8.18 1.68 20.50
C HIS A 274 7.89 1.10 19.10
N VAL A 275 7.95 1.94 18.06
CA VAL A 275 7.57 1.47 16.71
C VAL A 275 8.58 0.49 16.10
N ARG A 276 8.11 -0.67 15.67
CA ARG A 276 8.96 -1.65 15.01
C ARG A 276 8.54 -1.79 13.55
N SER A 277 9.52 -1.96 12.69
CA SER A 277 9.23 -2.07 11.25
C SER A 277 10.44 -2.65 10.56
N THR A 278 10.23 -3.10 9.30
CA THR A 278 11.33 -3.20 8.34
C THR A 278 11.28 -2.08 7.34
N ARG A 279 12.37 -1.32 7.27
CA ARG A 279 12.49 -0.16 6.41
C ARG A 279 13.34 -0.51 5.20
N ILE A 280 12.76 -0.28 4.01
CA ILE A 280 13.39 -0.60 2.73
C ILE A 280 13.64 0.70 1.98
N THR A 281 14.92 0.98 1.71
CA THR A 281 15.38 2.19 1.05
C THR A 281 16.62 1.83 0.22
N THR A 282 17.05 2.82 -0.52
CA THR A 282 18.22 2.76 -1.41
C THR A 282 19.21 3.78 -0.93
#